data_3TG2
#
_entry.id   3TG2
#
_cell.length_a   55.584
_cell.length_b   55.584
_cell.length_c   119.792
_cell.angle_alpha   90.00
_cell.angle_beta   90.00
_cell.angle_gamma   120.00
#
_symmetry.space_group_name_H-M   'P 32 2 1'
#
loop_
_entity.id
_entity.type
_entity.pdbx_description
1 polymer 'Vibriobactin-specific isochorismatase'
2 non-polymer '(5S,6S)-5-[(1-carboxyethenyl)oxy]-6-hydroxycyclohexa-1,3-diene-1-carboxylic acid'
3 non-polymer 'TRIETHYLENE GLYCOL'
4 water water
#
_entity_poly.entity_id   1
_entity_poly.type   'polypeptide(L)'
_entity_poly.pdbx_seq_one_letter_code
;MAIPKIASYPLPVSLPTNKVDWRIDASRAVLLIHNMQEYFVHYFDSQAEPIPSLIKHIQQLKAHAKQAGIPVVYTAQPAN
QDPAERALLSDFWGPGLSEETAIIAPLAPESGDVQLTKWRYSAFKKSPLLDWLRETGRDQLIITGVYAHIGILSTALDAF
MFDIQPFVIGDGVADFSLSDHEFSLRYISGRTGAVKSTQQACLEIAAQHSKLTGLLEHHHHHH
;
_entity_poly.pdbx_strand_id   A
#
# COMPACT_ATOMS: atom_id res chain seq x y z
N ALA A 2 0.50 -13.22 -15.36
CA ALA A 2 1.60 -13.16 -14.40
C ALA A 2 1.90 -11.72 -13.99
N ILE A 3 2.62 -11.55 -12.88
CA ILE A 3 3.20 -10.25 -12.59
C ILE A 3 4.35 -10.10 -13.57
N PRO A 4 4.42 -8.98 -14.30
CA PRO A 4 5.52 -8.84 -15.26
C PRO A 4 6.85 -8.59 -14.58
N LYS A 5 7.96 -8.84 -15.29
CA LYS A 5 9.23 -8.22 -14.93
C LYS A 5 9.04 -6.74 -15.20
N ILE A 6 9.11 -5.93 -14.16
CA ILE A 6 8.70 -4.54 -14.22
C ILE A 6 9.89 -3.67 -14.61
N ALA A 7 9.78 -3.01 -15.76
CA ALA A 7 10.82 -2.12 -16.20
C ALA A 7 10.89 -0.89 -15.29
N SER A 8 12.09 -0.37 -15.14
CA SER A 8 12.32 0.81 -14.30
CA SER A 8 12.29 0.80 -14.28
C SER A 8 11.52 2.01 -14.81
N TYR A 9 11.00 2.79 -13.87
CA TYR A 9 10.30 4.02 -14.20
C TYR A 9 10.39 4.95 -13.01
N PRO A 10 10.24 6.27 -13.25
CA PRO A 10 10.36 7.24 -12.16
C PRO A 10 9.06 7.41 -11.38
N LEU A 11 9.14 7.47 -10.06
CA LEU A 11 7.92 7.75 -9.28
CA LEU A 11 8.00 7.76 -9.22
C LEU A 11 7.37 9.06 -9.70
N PRO A 12 6.03 9.11 -9.83
CA PRO A 12 5.35 10.36 -10.16
CA PRO A 12 5.45 10.38 -10.22
C PRO A 12 5.60 11.43 -9.12
N VAL A 13 5.82 12.66 -9.53
CA VAL A 13 5.88 13.80 -8.59
C VAL A 13 4.56 14.56 -8.64
N SER A 14 4.01 14.73 -9.84
CA SER A 14 2.72 15.40 -10.00
CA SER A 14 2.71 15.39 -10.02
C SER A 14 1.61 14.42 -9.67
N LEU A 15 0.65 14.88 -8.91
CA LEU A 15 -0.42 14.01 -8.47
C LEU A 15 -1.76 14.65 -8.87
N PRO A 16 -2.79 13.81 -9.01
CA PRO A 16 -4.12 14.32 -9.36
CA PRO A 16 -4.08 14.37 -9.40
C PRO A 16 -4.66 15.25 -8.29
N THR A 17 -5.53 16.16 -8.67
CA THR A 17 -6.28 16.92 -7.67
C THR A 17 -7.33 16.03 -7.00
N ASN A 18 -7.55 16.28 -5.73
CA ASN A 18 -8.55 15.56 -4.95
C ASN A 18 -9.91 16.26 -4.99
N LYS A 19 -10.97 15.48 -5.02
CA LYS A 19 -12.33 15.98 -4.90
C LYS A 19 -12.68 16.27 -3.46
N VAL A 20 -11.93 15.68 -2.53
CA VAL A 20 -12.21 15.84 -1.11
C VAL A 20 -11.14 16.68 -0.46
N ASP A 21 -11.50 17.29 0.67
CA ASP A 21 -10.55 18.18 1.35
CA ASP A 21 -10.60 18.20 1.38
C ASP A 21 -10.02 17.56 2.64
N TRP A 22 -10.11 16.24 2.77
CA TRP A 22 -9.68 15.54 3.96
C TRP A 22 -8.19 15.76 4.21
N ARG A 23 -7.85 15.77 5.49
CA ARG A 23 -6.47 15.87 5.94
C ARG A 23 -6.19 14.78 6.96
N ILE A 24 -5.00 14.21 6.90
CA ILE A 24 -4.61 13.20 7.84
C ILE A 24 -4.51 13.80 9.23
N ASP A 25 -5.09 13.09 10.19
CA ASP A 25 -5.13 13.49 11.61
C ASP A 25 -4.51 12.35 12.40
N ALA A 26 -3.42 12.63 13.11
CA ALA A 26 -2.68 11.59 13.81
C ALA A 26 -3.53 10.87 14.84
N SER A 27 -4.58 11.51 15.33
CA SER A 27 -5.46 10.85 16.29
C SER A 27 -6.42 9.87 15.62
N ARG A 28 -6.58 9.94 14.30
CA ARG A 28 -7.57 9.15 13.59
C ARG A 28 -6.96 8.06 12.70
N ALA A 29 -5.67 8.18 12.37
CA ALA A 29 -5.10 7.45 11.25
C ALA A 29 -4.30 6.22 11.67
N VAL A 30 -4.22 5.29 10.73
CA VAL A 30 -3.34 4.13 10.76
C VAL A 30 -2.56 4.11 9.45
N LEU A 31 -1.28 3.78 9.52
CA LEU A 31 -0.44 3.61 8.33
C LEU A 31 -0.36 2.14 7.94
N LEU A 32 -0.83 1.82 6.73
CA LEU A 32 -0.70 0.50 6.15
C LEU A 32 0.47 0.45 5.18
N ILE A 33 1.35 -0.52 5.38
CA ILE A 33 2.44 -0.83 4.45
C ILE A 33 2.03 -2.15 3.78
N HIS A 34 1.58 -2.04 2.54
CA HIS A 34 0.87 -3.13 1.86
C HIS A 34 1.77 -3.95 0.95
N ASN A 35 1.92 -5.23 1.32
CA ASN A 35 2.58 -6.25 0.52
C ASN A 35 4.01 -5.92 0.08
N MET A 36 4.74 -5.27 0.97
CA MET A 36 6.15 -4.96 0.71
C MET A 36 7.05 -6.15 1.07
N GLN A 37 6.68 -7.29 0.50
CA GLN A 37 7.41 -8.53 0.66
C GLN A 37 8.47 -8.69 -0.40
N GLU A 38 9.52 -9.43 -0.07
CA GLU A 38 10.57 -9.77 -1.04
C GLU A 38 9.95 -10.27 -2.34
N TYR A 39 8.96 -11.13 -2.23
CA TYR A 39 8.36 -11.76 -3.39
C TYR A 39 7.86 -10.71 -4.41
N PHE A 40 7.11 -9.73 -3.93
CA PHE A 40 6.51 -8.74 -4.81
C PHE A 40 7.52 -7.69 -5.27
N VAL A 41 8.43 -7.32 -4.40
CA VAL A 41 9.42 -6.31 -4.73
C VAL A 41 10.41 -6.82 -5.78
N HIS A 42 10.66 -8.13 -5.77
CA HIS A 42 11.63 -8.70 -6.69
C HIS A 42 11.17 -8.80 -8.14
N TYR A 43 9.93 -8.44 -8.43
CA TYR A 43 9.53 -8.25 -9.82
C TYR A 43 10.08 -6.94 -10.41
N PHE A 44 10.59 -6.05 -9.55
CA PHE A 44 11.38 -4.90 -9.96
C PHE A 44 12.86 -5.20 -9.77
N ASP A 45 13.72 -4.45 -10.45
CA ASP A 45 15.10 -4.28 -10.00
C ASP A 45 15.07 -3.28 -8.84
N SER A 46 15.36 -3.76 -7.64
CA SER A 46 15.23 -2.93 -6.45
CA SER A 46 15.26 -2.95 -6.44
C SER A 46 16.26 -1.81 -6.41
N GLN A 47 17.31 -1.91 -7.22
CA GLN A 47 18.30 -0.86 -7.27
CA GLN A 47 18.31 -0.85 -7.28
C GLN A 47 17.94 0.25 -8.27
N ALA A 48 16.85 0.06 -9.02
CA ALA A 48 16.44 1.03 -10.03
C ALA A 48 15.12 1.68 -9.63
N GLU A 49 14.92 2.90 -10.10
CA GLU A 49 13.66 3.60 -9.92
CA GLU A 49 13.65 3.61 -9.95
C GLU A 49 12.52 2.67 -10.35
N PRO A 50 11.40 2.70 -9.63
CA PRO A 50 11.04 3.62 -8.55
C PRO A 50 11.38 3.13 -7.14
N ILE A 51 12.12 2.04 -7.03
CA ILE A 51 12.20 1.37 -5.75
C ILE A 51 13.02 2.10 -4.67
N PRO A 52 14.23 2.61 -4.99
CA PRO A 52 14.95 3.33 -3.93
C PRO A 52 14.12 4.49 -3.34
N SER A 53 13.47 5.29 -4.16
CA SER A 53 12.69 6.41 -3.64
CA SER A 53 12.69 6.41 -3.66
C SER A 53 11.41 5.95 -2.96
N LEU A 54 10.79 4.88 -3.47
CA LEU A 54 9.63 4.31 -2.80
C LEU A 54 9.98 3.93 -1.37
N ILE A 55 11.07 3.19 -1.23
CA ILE A 55 11.51 2.72 0.08
C ILE A 55 11.82 3.89 1.02
N LYS A 56 12.56 4.88 0.51
CA LYS A 56 12.87 6.04 1.32
C LYS A 56 11.59 6.71 1.82
N HIS A 57 10.63 6.91 0.92
CA HIS A 57 9.39 7.58 1.31
C HIS A 57 8.62 6.78 2.36
N ILE A 58 8.50 5.48 2.18
CA ILE A 58 7.79 4.68 3.16
C ILE A 58 8.54 4.68 4.49
N GLN A 59 9.86 4.59 4.46
CA GLN A 59 10.66 4.67 5.68
C GLN A 59 10.37 5.97 6.41
N GLN A 60 10.36 7.08 5.67
CA GLN A 60 10.14 8.37 6.29
C GLN A 60 8.76 8.46 6.90
N LEU A 61 7.74 7.99 6.18
CA LEU A 61 6.37 8.03 6.69
CA LEU A 61 6.39 8.06 6.69
C LEU A 61 6.22 7.17 7.93
N LYS A 62 6.86 5.99 7.92
CA LYS A 62 6.79 5.13 9.08
C LYS A 62 7.40 5.82 10.30
N ALA A 63 8.55 6.46 10.11
CA ALA A 63 9.23 7.14 11.22
C ALA A 63 8.38 8.29 11.75
N HIS A 64 7.78 9.06 10.84
CA HIS A 64 6.92 10.16 11.24
C HIS A 64 5.66 9.65 11.92
N ALA A 65 5.10 8.55 11.41
CA ALA A 65 3.91 7.95 12.02
C ALA A 65 4.19 7.57 13.46
N LYS A 66 5.31 6.88 13.67
CA LYS A 66 5.72 6.49 15.01
C LYS A 66 5.81 7.70 15.92
N GLN A 67 6.47 8.76 15.46
CA GLN A 67 6.65 9.96 16.28
C GLN A 67 5.33 10.63 16.62
N ALA A 68 4.34 10.46 15.75
CA ALA A 68 3.06 11.11 15.92
C ALA A 68 2.02 10.25 16.62
N GLY A 69 2.37 9.01 16.94
CA GLY A 69 1.45 8.08 17.59
C GLY A 69 0.46 7.38 16.66
N ILE A 70 0.78 7.30 15.37
CA ILE A 70 -0.05 6.59 14.38
C ILE A 70 0.40 5.12 14.33
N PRO A 71 -0.50 4.18 14.63
CA PRO A 71 -0.14 2.76 14.51
C PRO A 71 0.23 2.39 13.09
N VAL A 72 1.13 1.43 12.96
CA VAL A 72 1.56 0.91 11.67
C VAL A 72 1.14 -0.56 11.55
N VAL A 73 0.59 -0.89 10.40
CA VAL A 73 0.16 -2.25 10.08
CA VAL A 73 0.18 -2.26 10.10
C VAL A 73 0.75 -2.69 8.75
N TYR A 74 1.19 -3.93 8.69
CA TYR A 74 1.72 -4.53 7.46
C TYR A 74 0.77 -5.60 6.99
N THR A 75 0.71 -5.80 5.67
CA THR A 75 0.11 -7.00 5.10
C THR A 75 1.15 -7.84 4.40
N ALA A 76 0.95 -9.15 4.46
CA ALA A 76 1.85 -10.09 3.79
C ALA A 76 1.12 -11.36 3.46
N GLN A 77 1.27 -11.83 2.23
CA GLN A 77 0.71 -13.12 1.86
C GLN A 77 1.54 -14.27 2.44
N PRO A 78 0.87 -15.33 2.88
CA PRO A 78 1.59 -16.51 3.37
C PRO A 78 1.98 -17.45 2.21
N ALA A 79 3.07 -18.16 2.39
CA ALA A 79 3.54 -19.10 1.38
C ALA A 79 2.62 -20.29 1.24
N ASN A 80 2.59 -20.85 0.03
CA ASN A 80 1.94 -22.12 -0.22
C ASN A 80 0.50 -22.15 0.27
N GLN A 81 -0.26 -21.20 -0.21
CA GLN A 81 -1.66 -21.12 0.14
C GLN A 81 -2.42 -22.35 -0.33
N ASP A 82 -3.24 -22.89 0.55
CA ASP A 82 -4.13 -23.97 0.21
C ASP A 82 -4.99 -23.54 -0.96
N PRO A 83 -5.10 -24.37 -2.01
CA PRO A 83 -5.90 -23.96 -3.17
C PRO A 83 -7.34 -23.61 -2.84
N ALA A 84 -7.95 -24.26 -1.86
CA ALA A 84 -9.31 -23.93 -1.49
C ALA A 84 -9.42 -22.54 -0.87
N GLU A 85 -8.39 -22.14 -0.13
CA GLU A 85 -8.35 -20.81 0.50
CA GLU A 85 -8.38 -20.81 0.49
C GLU A 85 -7.97 -19.72 -0.50
N ARG A 86 -7.06 -20.05 -1.41
CA ARG A 86 -6.63 -19.09 -2.42
C ARG A 86 -7.72 -18.87 -3.48
N ALA A 87 -8.48 -19.92 -3.77
CA ALA A 87 -9.68 -19.85 -4.59
C ALA A 87 -9.40 -19.21 -5.95
N LEU A 88 -10.21 -18.25 -6.38
CA LEU A 88 -10.18 -17.80 -7.76
C LEU A 88 -8.90 -17.04 -8.13
N LEU A 89 -8.15 -16.55 -7.14
CA LEU A 89 -6.85 -15.92 -7.43
C LEU A 89 -5.99 -16.82 -8.28
N SER A 90 -6.04 -18.12 -8.05
CA SER A 90 -5.15 -19.03 -8.78
CA SER A 90 -5.16 -19.05 -8.77
C SER A 90 -5.42 -19.03 -10.26
N ASP A 91 -6.68 -18.73 -10.65
CA ASP A 91 -7.03 -18.66 -12.06
C ASP A 91 -6.45 -17.45 -12.76
N PHE A 92 -6.02 -16.43 -12.00
CA PHE A 92 -5.39 -15.25 -12.54
C PHE A 92 -3.89 -15.22 -12.38
N TRP A 93 -3.36 -15.84 -11.32
CA TRP A 93 -1.96 -15.64 -10.95
C TRP A 93 -1.19 -16.92 -10.72
N GLY A 94 -1.83 -18.06 -10.82
CA GLY A 94 -1.19 -19.31 -10.51
C GLY A 94 -1.21 -19.60 -9.03
N PRO A 95 -0.46 -20.62 -8.61
CA PRO A 95 -0.54 -21.10 -7.21
CA PRO A 95 -0.53 -21.11 -7.21
C PRO A 95 0.01 -20.13 -6.16
N GLY A 96 0.74 -19.11 -6.60
CA GLY A 96 1.20 -18.06 -5.71
C GLY A 96 2.53 -18.41 -5.03
N LEU A 97 3.01 -17.44 -4.25
CA LEU A 97 4.36 -17.53 -3.72
C LEU A 97 4.55 -18.74 -2.83
N SER A 98 5.78 -19.25 -2.89
CA SER A 98 6.22 -20.38 -2.06
C SER A 98 7.36 -20.01 -1.12
N GLU A 99 7.86 -18.78 -1.24
CA GLU A 99 8.97 -18.29 -0.43
CA GLU A 99 9.09 -18.32 -0.61
C GLU A 99 9.09 -16.79 -0.71
N GLU A 100 10.14 -16.16 -0.21
CA GLU A 100 10.29 -14.70 -0.30
C GLU A 100 9.13 -13.99 0.42
N THR A 101 8.69 -14.57 1.53
CA THR A 101 7.58 -14.00 2.27
C THR A 101 7.94 -12.84 3.18
N ALA A 102 9.20 -12.69 3.55
CA ALA A 102 9.58 -11.65 4.48
C ALA A 102 9.33 -10.26 3.93
N ILE A 103 8.95 -9.34 4.83
CA ILE A 103 8.92 -7.92 4.49
C ILE A 103 10.35 -7.51 4.19
N ILE A 104 10.53 -6.68 3.17
CA ILE A 104 11.88 -6.27 2.82
C ILE A 104 12.54 -5.55 4.01
N ALA A 105 13.84 -5.82 4.19
CA ALA A 105 14.56 -5.37 5.38
C ALA A 105 14.51 -3.86 5.66
N PRO A 106 14.60 -3.04 4.62
CA PRO A 106 14.56 -1.59 4.89
C PRO A 106 13.24 -1.14 5.55
N LEU A 107 12.20 -1.97 5.47
CA LEU A 107 10.89 -1.66 6.05
C LEU A 107 10.56 -2.65 7.18
N ALA A 108 11.57 -3.24 7.80
CA ALA A 108 11.34 -4.26 8.83
C ALA A 108 10.28 -3.83 9.85
N PRO A 109 9.26 -4.68 10.06
CA PRO A 109 8.32 -4.40 11.17
C PRO A 109 9.01 -4.46 12.52
N GLU A 110 8.61 -3.57 13.40
CA GLU A 110 9.06 -3.56 14.77
C GLU A 110 8.06 -4.25 15.67
N SER A 111 8.38 -4.38 16.95
CA SER A 111 7.63 -5.28 17.80
C SER A 111 6.17 -4.86 17.97
N GLY A 112 5.90 -3.56 17.93
CA GLY A 112 4.55 -3.03 18.08
C GLY A 112 3.79 -2.82 16.79
N ASP A 113 4.37 -3.21 15.66
CA ASP A 113 3.72 -3.06 14.37
C ASP A 113 2.97 -4.33 14.05
N VAL A 114 1.68 -4.23 13.81
CA VAL A 114 0.83 -5.36 13.54
C VAL A 114 1.13 -5.94 12.14
N GLN A 115 1.17 -7.26 12.04
CA GLN A 115 1.37 -7.94 10.75
C GLN A 115 0.15 -8.80 10.45
N LEU A 116 -0.61 -8.40 9.43
CA LEU A 116 -1.80 -9.12 9.02
C LEU A 116 -1.47 -10.07 7.87
N THR A 117 -2.14 -11.21 7.88
CA THR A 117 -2.07 -12.14 6.78
C THR A 117 -3.01 -11.69 5.66
N LYS A 118 -2.47 -11.65 4.46
CA LYS A 118 -3.16 -11.12 3.28
C LYS A 118 -3.67 -12.27 2.43
N TRP A 119 -4.98 -12.31 2.20
CA TRP A 119 -5.59 -13.40 1.43
C TRP A 119 -6.21 -12.96 0.12
N ARG A 120 -6.55 -11.68 -0.02
CA ARG A 120 -7.24 -11.15 -1.20
C ARG A 120 -6.66 -9.79 -1.52
N TYR A 121 -7.08 -9.21 -2.64
CA TYR A 121 -6.60 -7.88 -3.02
C TYR A 121 -6.85 -6.86 -1.90
N SER A 122 -8.04 -6.90 -1.31
CA SER A 122 -8.33 -6.02 -0.21
C SER A 122 -7.80 -6.56 1.11
N ALA A 123 -7.06 -5.73 1.83
CA ALA A 123 -6.54 -6.09 3.15
C ALA A 123 -7.63 -6.41 4.15
N PHE A 124 -8.85 -5.96 3.90
CA PHE A 124 -9.96 -6.19 4.82
C PHE A 124 -10.49 -7.62 4.76
N LYS A 125 -10.35 -8.27 3.61
CA LYS A 125 -10.99 -9.57 3.42
C LYS A 125 -10.29 -10.62 4.26
N LYS A 126 -11.06 -11.42 4.96
CA LYS A 126 -10.51 -12.54 5.71
C LYS A 126 -9.47 -12.07 6.70
N SER A 127 -9.67 -10.90 7.30
CA SER A 127 -8.73 -10.32 8.26
C SER A 127 -9.46 -9.55 9.35
N PRO A 128 -8.77 -9.25 10.46
CA PRO A 128 -9.37 -8.46 11.53
C PRO A 128 -9.25 -6.96 11.37
N LEU A 129 -8.84 -6.51 10.20
CA LEU A 129 -8.53 -5.09 10.01
C LEU A 129 -9.71 -4.19 10.36
N LEU A 130 -10.89 -4.46 9.81
CA LEU A 130 -12.03 -3.58 10.06
C LEU A 130 -12.41 -3.54 11.54
N ASP A 131 -12.47 -4.72 12.16
CA ASP A 131 -12.84 -4.78 13.57
C ASP A 131 -11.86 -4.00 14.44
N TRP A 132 -10.57 -4.10 14.12
CA TRP A 132 -9.53 -3.40 14.87
C TRP A 132 -9.67 -1.90 14.71
N LEU A 133 -9.86 -1.44 13.47
CA LEU A 133 -10.02 -0.01 13.25
C LEU A 133 -11.24 0.50 14.02
N ARG A 134 -12.36 -0.21 13.92
CA ARG A 134 -13.59 0.23 14.57
C ARG A 134 -13.47 0.21 16.08
N GLU A 135 -12.84 -0.84 16.62
CA GLU A 135 -12.70 -0.97 18.07
C GLU A 135 -11.86 0.17 18.64
N THR A 136 -10.86 0.59 17.87
CA THR A 136 -9.91 1.61 18.34
C THR A 136 -10.27 3.02 17.92
N GLY A 137 -11.36 3.16 17.18
CA GLY A 137 -11.82 4.48 16.74
C GLY A 137 -10.94 5.16 15.71
N ARG A 138 -10.18 4.38 14.94
CA ARG A 138 -9.34 4.94 13.89
C ARG A 138 -10.12 4.82 12.59
N ASP A 139 -10.34 5.94 11.92
CA ASP A 139 -11.18 5.99 10.73
C ASP A 139 -10.50 6.64 9.53
N GLN A 140 -9.16 6.67 9.55
CA GLN A 140 -8.35 7.06 8.40
C GLN A 140 -7.30 6.00 8.15
N LEU A 141 -7.08 5.63 6.89
CA LEU A 141 -6.10 4.62 6.54
C LEU A 141 -5.16 5.20 5.49
N ILE A 142 -3.90 5.38 5.87
CA ILE A 142 -2.86 5.85 4.97
C ILE A 142 -2.29 4.60 4.30
N ILE A 143 -2.24 4.60 2.97
CA ILE A 143 -1.92 3.37 2.23
C ILE A 143 -0.67 3.61 1.39
N THR A 144 0.30 2.72 1.62
CA THR A 144 1.57 2.67 0.90
C THR A 144 1.83 1.23 0.46
N GLY A 145 2.71 1.06 -0.52
CA GLY A 145 3.13 -0.26 -0.95
C GLY A 145 2.84 -0.57 -2.40
N VAL A 146 2.69 -1.85 -2.71
CA VAL A 146 2.49 -2.31 -4.07
C VAL A 146 1.33 -3.30 -4.13
N TYR A 147 0.67 -3.49 -5.28
CA TYR A 147 0.77 -2.71 -6.52
C TYR A 147 -0.43 -1.76 -6.57
N ALA A 148 -0.18 -0.54 -7.07
CA ALA A 148 -1.18 0.51 -7.00
C ALA A 148 -2.53 0.09 -7.57
N HIS A 149 -2.55 -0.56 -8.75
CA HIS A 149 -3.81 -0.82 -9.39
C HIS A 149 -4.54 -2.05 -8.90
N ILE A 150 -3.90 -2.83 -8.02
CA ILE A 150 -4.44 -4.11 -7.57
C ILE A 150 -4.83 -4.00 -6.08
N GLY A 151 -3.93 -4.38 -5.17
CA GLY A 151 -4.33 -4.42 -3.78
C GLY A 151 -4.43 -3.06 -3.11
N ILE A 152 -3.62 -2.11 -3.57
CA ILE A 152 -3.75 -0.73 -3.07
C ILE A 152 -5.16 -0.21 -3.38
N LEU A 153 -5.55 -0.30 -4.65
CA LEU A 153 -6.87 0.14 -5.08
C LEU A 153 -7.99 -0.61 -4.37
N SER A 154 -7.91 -1.94 -4.31
CA SER A 154 -8.99 -2.71 -3.71
CA SER A 154 -8.99 -2.71 -3.71
C SER A 154 -9.12 -2.42 -2.22
N THR A 155 -7.98 -2.27 -1.53
CA THR A 155 -8.01 -1.92 -0.13
C THR A 155 -8.63 -0.53 0.08
N ALA A 156 -8.28 0.43 -0.77
CA ALA A 156 -8.87 1.76 -0.69
C ALA A 156 -10.38 1.71 -0.91
N LEU A 157 -10.84 0.93 -1.90
CA LEU A 157 -12.26 0.80 -2.17
C LEU A 157 -13.00 0.24 -0.96
N ASP A 158 -12.48 -0.84 -0.37
CA ASP A 158 -13.13 -1.41 0.81
C ASP A 158 -13.11 -0.40 1.97
N ALA A 159 -11.97 0.24 2.22
CA ALA A 159 -11.90 1.21 3.31
C ALA A 159 -12.98 2.27 3.15
N PHE A 160 -13.03 2.87 1.95
CA PHE A 160 -14.00 3.90 1.64
C PHE A 160 -15.41 3.42 1.91
N MET A 161 -15.75 2.23 1.43
CA MET A 161 -17.09 1.69 1.59
C MET A 161 -17.42 1.33 3.03
N PHE A 162 -16.40 1.10 3.85
CA PHE A 162 -16.52 0.85 5.28
C PHE A 162 -16.42 2.13 6.12
N ASP A 163 -16.46 3.30 5.46
CA ASP A 163 -16.52 4.59 6.15
C ASP A 163 -15.16 4.96 6.78
N ILE A 164 -14.08 4.45 6.19
CA ILE A 164 -12.71 4.79 6.57
CA ILE A 164 -12.71 4.77 6.57
C ILE A 164 -12.10 5.60 5.44
N GLN A 165 -11.64 6.82 5.75
CA GLN A 165 -11.04 7.68 4.72
C GLN A 165 -9.71 7.12 4.25
N PRO A 166 -9.59 6.77 2.95
CA PRO A 166 -8.28 6.28 2.48
C PRO A 166 -7.44 7.44 1.96
N PHE A 167 -6.16 7.44 2.36
CA PHE A 167 -5.16 8.39 1.86
C PHE A 167 -4.09 7.55 1.19
N VAL A 168 -4.09 7.53 -0.13
CA VAL A 168 -3.09 6.80 -0.88
C VAL A 168 -1.92 7.72 -1.19
N ILE A 169 -0.72 7.28 -0.84
CA ILE A 169 0.46 8.12 -1.00
C ILE A 169 1.01 7.95 -2.42
N GLY A 170 0.91 8.99 -3.23
CA GLY A 170 1.20 8.85 -4.65
C GLY A 170 2.62 8.45 -4.99
N ASP A 171 3.57 8.98 -4.22
CA ASP A 171 4.98 8.61 -4.35
C ASP A 171 5.38 7.64 -3.22
N GLY A 172 4.39 6.96 -2.64
CA GLY A 172 4.58 5.92 -1.66
C GLY A 172 3.95 4.59 -2.04
N VAL A 173 3.66 4.46 -3.33
CA VAL A 173 3.22 3.22 -3.92
C VAL A 173 4.01 3.00 -5.20
N ALA A 174 3.96 1.80 -5.74
CA ALA A 174 4.49 1.55 -7.08
C ALA A 174 3.61 0.51 -7.77
N ASP A 175 3.91 0.26 -9.03
CA ASP A 175 2.99 -0.51 -9.86
C ASP A 175 3.74 -1.17 -11.01
N PHE A 176 3.01 -1.84 -11.90
CA PHE A 176 3.59 -2.57 -13.02
C PHE A 176 4.20 -1.61 -14.06
N SER A 177 3.77 -0.36 -14.07
CA SER A 177 4.26 0.63 -15.02
C SER A 177 3.86 2.00 -14.51
N LEU A 178 4.49 3.03 -15.05
CA LEU A 178 4.10 4.40 -14.73
C LEU A 178 2.65 4.65 -15.13
N SER A 179 2.22 4.15 -16.28
CA SER A 179 0.86 4.34 -16.73
CA SER A 179 0.85 4.39 -16.71
C SER A 179 -0.14 3.73 -15.75
N ASP A 180 0.11 2.48 -15.33
CA ASP A 180 -0.80 1.86 -14.37
C ASP A 180 -0.82 2.65 -13.06
N HIS A 181 0.35 3.09 -12.62
CA HIS A 181 0.49 3.85 -11.38
C HIS A 181 -0.33 5.15 -11.47
N GLU A 182 -0.13 5.91 -12.53
CA GLU A 182 -0.82 7.20 -12.65
C GLU A 182 -2.33 7.04 -12.83
N PHE A 183 -2.75 6.05 -13.60
CA PHE A 183 -4.17 5.81 -13.74
C PHE A 183 -4.79 5.42 -12.40
N SER A 184 -4.07 4.63 -11.61
CA SER A 184 -4.57 4.27 -10.29
C SER A 184 -4.82 5.49 -9.43
N LEU A 185 -3.86 6.40 -9.41
CA LEU A 185 -4.01 7.60 -8.60
C LEU A 185 -5.18 8.45 -9.09
N ARG A 186 -5.34 8.58 -10.41
CA ARG A 186 -6.47 9.33 -10.94
C ARG A 186 -7.80 8.69 -10.52
N TYR A 187 -7.88 7.37 -10.59
CA TYR A 187 -9.09 6.67 -10.18
C TYR A 187 -9.37 6.95 -8.71
N ILE A 188 -8.36 6.82 -7.86
CA ILE A 188 -8.54 7.00 -6.44
C ILE A 188 -9.03 8.41 -6.12
N SER A 189 -8.33 9.44 -6.61
CA SER A 189 -8.72 10.83 -6.37
CA SER A 189 -8.73 10.80 -6.31
C SER A 189 -10.12 11.13 -6.86
N GLY A 190 -10.51 10.49 -7.95
CA GLY A 190 -11.82 10.77 -8.50
C GLY A 190 -12.96 10.00 -7.86
N ARG A 191 -12.67 8.88 -7.21
CA ARG A 191 -13.74 7.93 -6.87
C ARG A 191 -13.70 7.34 -5.46
N THR A 192 -12.54 7.22 -4.81
CA THR A 192 -12.49 6.41 -3.61
C THR A 192 -11.47 6.80 -2.55
N GLY A 193 -10.81 7.95 -2.66
CA GLY A 193 -9.95 8.38 -1.57
C GLY A 193 -9.27 9.68 -1.91
N ALA A 194 -8.32 10.05 -1.07
CA ALA A 194 -7.49 11.22 -1.30
C ALA A 194 -6.10 10.71 -1.64
N VAL A 195 -5.46 11.35 -2.61
CA VAL A 195 -4.07 11.07 -2.92
C VAL A 195 -3.22 12.18 -2.33
N LYS A 196 -2.17 11.82 -1.62
CA LYS A 196 -1.26 12.79 -1.01
C LYS A 196 0.16 12.44 -1.39
N SER A 197 1.03 13.43 -1.49
CA SER A 197 2.44 13.14 -1.60
C SER A 197 2.97 12.75 -0.22
N THR A 198 4.14 12.11 -0.20
CA THR A 198 4.81 11.82 1.06
C THR A 198 5.03 13.12 1.83
N GLN A 199 5.52 14.17 1.16
CA GLN A 199 5.80 15.41 1.88
C GLN A 199 4.54 16.01 2.49
N GLN A 200 3.44 15.99 1.76
CA GLN A 200 2.19 16.55 2.26
C GLN A 200 1.65 15.72 3.42
N ALA A 201 1.71 14.40 3.30
CA ALA A 201 1.23 13.53 4.37
C ALA A 201 2.04 13.79 5.63
N CYS A 202 3.35 13.91 5.49
CA CYS A 202 4.20 14.24 6.63
CA CYS A 202 4.24 14.28 6.58
C CYS A 202 3.81 15.57 7.28
N LEU A 203 3.52 16.59 6.49
CA LEU A 203 3.12 17.87 7.04
C LEU A 203 1.79 17.75 7.81
N GLU A 204 0.86 16.96 7.27
CA GLU A 204 -0.46 16.81 7.90
C GLU A 204 -0.36 16.02 9.19
N ILE A 205 0.46 14.98 9.17
CA ILE A 205 0.71 14.18 10.35
C ILE A 205 1.26 15.06 11.49
N ALA A 206 2.15 15.99 11.14
CA ALA A 206 2.71 16.92 12.13
C ALA A 206 1.68 17.99 12.50
#